data_3OCP
#
_entry.id   3OCP
#
_cell.length_a   107.139
_cell.length_b   107.139
_cell.length_c   168.967
_cell.angle_alpha   90.00
_cell.angle_beta   90.00
_cell.angle_gamma   120.00
#
_symmetry.space_group_name_H-M   'P 62 2 2'
#
loop_
_entity.id
_entity.type
_entity.pdbx_description
1 polymer 'PRKG1 protein'
2 non-polymer "ADENOSINE-3',5'-CYCLIC-MONOPHOSPHATE"
3 water water
#
_entity_poly.entity_id   1
_entity_poly.type   'polypeptide(L)'
_entity_poly.pdbx_seq_one_letter_code
;GSGSHVTLPFYPKSPQSKDLIKEAILDNDFMKNLELSQIQEIVDCMYPVEYGKDSCIIKEGDVGSLVYVMEDGKVEVTKE
GVKLCTMGPGKVFGELAILYNCTRTATVKTLVNVKLWAIDRQCFQTIMMRTGLIKHTEY
;
_entity_poly.pdbx_strand_id   A,B
#
loop_
_chem_comp.id
_chem_comp.type
_chem_comp.name
_chem_comp.formula
CMP non-polymer ADENOSINE-3',5'-CYCLIC-MONOPHOSPHATE 'C10 H12 N5 O6 P'
#
# COMPACT_ATOMS: atom_id res chain seq x y z
N SER A 4 8.88 -18.56 13.86
CA SER A 4 7.56 -18.84 13.32
C SER A 4 7.14 -17.72 12.39
N HIS A 5 6.90 -18.06 11.14
CA HIS A 5 6.42 -17.09 10.19
C HIS A 5 5.21 -17.65 9.53
N VAL A 6 4.22 -16.82 9.28
CA VAL A 6 3.02 -17.34 8.73
C VAL A 6 3.19 -17.78 7.31
N THR A 7 2.59 -18.90 7.04
CA THR A 7 2.60 -19.51 5.72
C THR A 7 1.44 -18.95 4.91
N LEU A 8 1.75 -18.28 3.81
CA LEU A 8 0.72 -17.79 2.92
C LEU A 8 0.06 -18.97 2.19
N PRO A 9 -1.28 -18.92 2.09
CA PRO A 9 -2.02 -19.98 1.41
C PRO A 9 -1.71 -19.98 -0.08
N PHE A 10 -1.66 -21.15 -0.68
CA PHE A 10 -1.32 -21.27 -2.09
C PHE A 10 -2.55 -21.81 -2.83
N TYR A 11 -2.93 -21.16 -3.92
CA TYR A 11 -4.00 -21.67 -4.78
C TYR A 11 -3.51 -22.09 -6.17
N PRO A 12 -3.50 -23.41 -6.43
CA PRO A 12 -3.05 -23.98 -7.71
C PRO A 12 -3.86 -23.39 -8.84
N LYS A 13 -3.20 -23.03 -9.93
CA LYS A 13 -3.86 -22.37 -11.04
C LYS A 13 -3.27 -22.86 -12.33
N SER A 14 -4.04 -22.75 -13.39
CA SER A 14 -3.52 -23.09 -14.70
C SER A 14 -2.51 -22.03 -15.10
N PRO A 15 -1.56 -22.40 -15.98
CA PRO A 15 -0.60 -21.43 -16.50
C PRO A 15 -1.29 -20.28 -17.22
N GLN A 16 -2.41 -20.50 -17.89
CA GLN A 16 -3.09 -19.40 -18.53
C GLN A 16 -3.56 -18.41 -17.53
N SER A 17 -4.05 -18.90 -16.41
CA SER A 17 -4.56 -18.08 -15.35
C SER A 17 -3.41 -17.23 -14.78
N LYS A 18 -2.32 -17.90 -14.42
CA LYS A 18 -1.16 -17.20 -13.91
C LYS A 18 -0.70 -16.09 -14.85
N ASP A 19 -0.65 -16.37 -16.15
CA ASP A 19 -0.24 -15.36 -17.14
C ASP A 19 -1.21 -14.19 -17.17
N LEU A 20 -2.49 -14.49 -17.03
CA LEU A 20 -3.51 -13.45 -17.13
C LEU A 20 -3.44 -12.52 -15.91
N ILE A 21 -3.30 -13.12 -14.73
CA ILE A 21 -3.14 -12.36 -13.50
C ILE A 21 -1.87 -11.49 -13.55
N LYS A 22 -0.74 -12.08 -13.93
CA LYS A 22 0.51 -11.34 -14.03
C LYS A 22 0.38 -10.16 -14.99
N GLU A 23 -0.21 -10.39 -16.16
CA GLU A 23 -0.38 -9.31 -17.11
C GLU A 23 -1.39 -8.25 -16.64
N ALA A 24 -2.35 -8.66 -15.82
CA ALA A 24 -3.33 -7.71 -15.32
C ALA A 24 -2.64 -6.74 -14.33
N ILE A 25 -1.80 -7.29 -13.47
CA ILE A 25 -1.04 -6.47 -12.55
C ILE A 25 -0.12 -5.52 -13.33
N LEU A 26 0.63 -6.06 -14.29
CA LEU A 26 1.56 -5.24 -15.07
C LEU A 26 0.84 -4.19 -15.92
N ASP A 27 -0.47 -4.36 -16.08
CA ASP A 27 -1.26 -3.39 -16.86
C ASP A 27 -1.77 -2.29 -15.94
N ASN A 28 -1.72 -2.52 -14.63
CA ASN A 28 -2.29 -1.58 -13.69
C ASN A 28 -1.29 -0.48 -13.29
N ASP A 29 -1.63 0.76 -13.60
CA ASP A 29 -0.75 1.89 -13.31
C ASP A 29 -0.20 1.92 -11.89
N PHE A 30 -0.97 1.43 -10.92
CA PHE A 30 -0.57 1.56 -9.52
C PHE A 30 0.19 0.35 -9.01
N MET A 31 0.08 -0.78 -9.70
CA MET A 31 0.73 -2.00 -9.24
C MET A 31 1.86 -2.48 -10.17
N LYS A 32 1.99 -1.84 -11.33
CA LYS A 32 2.89 -2.36 -12.34
C LYS A 32 4.37 -2.33 -11.98
N ASN A 33 4.73 -1.58 -10.94
CA ASN A 33 6.14 -1.45 -10.58
C ASN A 33 6.59 -2.38 -9.46
N LEU A 34 5.70 -3.26 -9.01
CA LEU A 34 6.03 -4.21 -7.96
C LEU A 34 7.07 -5.19 -8.48
N GLU A 35 7.85 -5.78 -7.58
CA GLU A 35 8.84 -6.74 -8.04
C GLU A 35 8.14 -7.95 -8.64
N LEU A 36 8.77 -8.53 -9.65
CA LEU A 36 8.26 -9.75 -10.25
C LEU A 36 8.09 -10.84 -9.21
N SER A 37 9.02 -10.93 -8.26
CA SER A 37 8.91 -11.99 -7.26
C SER A 37 7.67 -11.77 -6.40
N GLN A 38 7.29 -10.52 -6.18
CA GLN A 38 6.10 -10.21 -5.41
C GLN A 38 4.85 -10.47 -6.22
N ILE A 39 4.91 -10.16 -7.51
CA ILE A 39 3.81 -10.46 -8.40
C ILE A 39 3.56 -11.97 -8.45
N GLN A 40 4.63 -12.75 -8.45
CA GLN A 40 4.51 -14.21 -8.46
C GLN A 40 3.77 -14.67 -7.23
N GLU A 41 4.13 -14.13 -6.08
CA GLU A 41 3.50 -14.49 -4.82
C GLU A 41 2.06 -14.04 -4.77
N ILE A 42 1.74 -12.95 -5.43
CA ILE A 42 0.36 -12.50 -5.48
C ILE A 42 -0.44 -13.50 -6.31
N VAL A 43 0.08 -13.81 -7.50
CA VAL A 43 -0.52 -14.81 -8.39
C VAL A 43 -0.86 -16.07 -7.62
N ASP A 44 0.12 -16.60 -6.87
CA ASP A 44 -0.08 -17.86 -6.16
C ASP A 44 -1.12 -17.76 -5.05
N CYS A 45 -1.19 -16.60 -4.41
CA CYS A 45 -2.12 -16.40 -3.30
C CYS A 45 -3.52 -16.06 -3.73
N MET A 46 -3.70 -15.58 -4.96
CA MET A 46 -5.05 -15.25 -5.39
C MET A 46 -5.95 -16.48 -5.44
N TYR A 47 -7.21 -16.28 -5.11
CA TYR A 47 -8.14 -17.38 -5.04
C TYR A 47 -9.35 -17.01 -5.88
N PRO A 48 -10.11 -18.02 -6.32
CA PRO A 48 -11.16 -17.76 -7.30
C PRO A 48 -12.48 -17.43 -6.65
N VAL A 49 -13.26 -16.58 -7.31
CA VAL A 49 -14.59 -16.23 -6.85
C VAL A 49 -15.45 -15.93 -8.08
N GLU A 50 -16.76 -16.05 -7.93
CA GLU A 50 -17.63 -16.02 -9.11
C GLU A 50 -18.89 -15.20 -8.82
N TYR A 51 -19.36 -14.46 -9.81
CA TYR A 51 -20.61 -13.73 -9.67
C TYR A 51 -21.50 -13.89 -10.91
N GLY A 52 -22.80 -14.04 -10.68
CA GLY A 52 -23.77 -13.99 -11.76
C GLY A 52 -23.90 -12.56 -12.25
N LYS A 53 -24.64 -12.34 -13.34
CA LYS A 53 -24.81 -11.00 -13.86
C LYS A 53 -25.68 -10.16 -12.95
N ASP A 54 -25.61 -8.84 -13.10
CA ASP A 54 -26.35 -7.90 -12.27
C ASP A 54 -26.08 -8.12 -10.78
N SER A 55 -24.82 -8.32 -10.45
CA SER A 55 -24.38 -8.49 -9.09
C SER A 55 -23.55 -7.30 -8.71
N CYS A 56 -23.72 -6.82 -7.50
CA CYS A 56 -22.90 -5.71 -7.05
C CYS A 56 -21.72 -6.28 -6.32
N ILE A 57 -20.55 -6.26 -6.95
CA ILE A 57 -19.36 -6.80 -6.32
C ILE A 57 -18.84 -5.81 -5.26
N ILE A 58 -18.73 -4.55 -5.68
CA ILE A 58 -18.18 -3.48 -4.85
C ILE A 58 -19.12 -2.28 -4.82
N LYS A 59 -19.42 -1.80 -3.61
CA LYS A 59 -20.25 -0.62 -3.45
C LYS A 59 -19.42 0.59 -2.99
N GLU A 60 -19.56 1.72 -3.68
CA GLU A 60 -18.77 2.91 -3.32
C GLU A 60 -18.98 3.29 -1.87
N GLY A 61 -17.90 3.72 -1.22
CA GLY A 61 -17.97 4.18 0.15
C GLY A 61 -17.81 3.10 1.18
N ASP A 62 -17.92 1.83 0.78
CA ASP A 62 -17.67 0.74 1.70
C ASP A 62 -16.20 0.65 2.04
N VAL A 63 -15.92 0.01 3.16
CA VAL A 63 -14.59 -0.48 3.47
C VAL A 63 -14.28 -1.61 2.49
N GLY A 64 -13.00 -1.80 2.17
CA GLY A 64 -12.63 -2.84 1.21
C GLY A 64 -11.60 -3.79 1.81
N SER A 65 -11.59 -5.04 1.38
CA SER A 65 -10.64 -6.04 1.87
C SER A 65 -9.93 -6.78 0.75
N LEU A 66 -10.54 -6.78 -0.44
CA LEU A 66 -10.06 -7.60 -1.56
C LEU A 66 -9.74 -6.78 -2.79
N VAL A 67 -8.65 -7.14 -3.46
CA VAL A 67 -8.38 -6.69 -4.83
C VAL A 67 -8.75 -7.82 -5.78
N TYR A 68 -9.21 -7.47 -6.98
CA TYR A 68 -9.72 -8.46 -7.91
C TYR A 68 -9.00 -8.42 -9.24
N VAL A 69 -8.84 -9.60 -9.84
CA VAL A 69 -8.47 -9.68 -11.24
C VAL A 69 -9.57 -10.40 -12.03
N MET A 70 -9.93 -9.87 -13.16
CA MET A 70 -10.97 -10.43 -13.97
C MET A 70 -10.45 -11.47 -14.94
N GLU A 71 -10.99 -12.67 -14.87
CA GLU A 71 -10.62 -13.72 -15.83
C GLU A 71 -11.64 -13.83 -16.98
N ASP A 72 -12.92 -13.81 -16.64
CA ASP A 72 -13.96 -13.86 -17.66
C ASP A 72 -15.04 -12.90 -17.24
N GLY A 73 -15.59 -12.17 -18.20
CA GLY A 73 -16.79 -11.41 -17.95
C GLY A 73 -16.60 -9.93 -18.24
N LYS A 74 -17.54 -9.13 -17.75
CA LYS A 74 -17.53 -7.71 -18.00
C LYS A 74 -18.19 -7.00 -16.81
N VAL A 75 -17.53 -5.98 -16.28
CA VAL A 75 -18.14 -5.20 -15.20
C VAL A 75 -18.33 -3.77 -15.63
N GLU A 76 -19.21 -3.06 -14.94
CA GLU A 76 -19.36 -1.64 -15.15
C GLU A 76 -19.03 -0.88 -13.88
N VAL A 77 -18.19 0.14 -14.00
CA VAL A 77 -17.80 0.95 -12.86
C VAL A 77 -18.58 2.25 -12.88
N THR A 78 -19.29 2.53 -11.81
CA THR A 78 -20.04 3.78 -11.71
C THR A 78 -19.64 4.50 -10.44
N LYS A 79 -19.69 5.83 -10.49
CA LYS A 79 -19.58 6.62 -9.27
C LYS A 79 -20.76 7.58 -9.20
N GLU A 80 -21.47 7.53 -8.07
CA GLU A 80 -22.70 8.29 -7.95
C GLU A 80 -23.51 8.19 -9.23
N GLY A 81 -23.86 6.96 -9.58
CA GLY A 81 -24.75 6.71 -10.69
C GLY A 81 -24.20 6.97 -12.07
N VAL A 82 -23.02 7.58 -12.14
CA VAL A 82 -22.41 7.91 -13.43
C VAL A 82 -21.43 6.85 -13.91
N LYS A 83 -21.68 6.29 -15.08
CA LYS A 83 -20.79 5.27 -15.63
C LYS A 83 -19.41 5.87 -15.86
N LEU A 84 -18.38 5.24 -15.29
CA LEU A 84 -17.02 5.66 -15.54
C LEU A 84 -16.40 4.85 -16.69
N CYS A 85 -16.67 3.55 -16.71
CA CYS A 85 -16.13 2.68 -17.74
C CYS A 85 -16.76 1.28 -17.64
N THR A 86 -16.16 0.34 -18.38
CA THR A 86 -16.44 -1.07 -18.19
C THR A 86 -15.09 -1.75 -18.24
N MET A 87 -14.97 -2.95 -17.67
CA MET A 87 -13.73 -3.72 -17.74
C MET A 87 -13.99 -5.17 -18.14
N GLY A 88 -13.06 -5.73 -18.91
CA GLY A 88 -13.13 -7.11 -19.30
C GLY A 88 -11.95 -7.89 -18.72
N PRO A 89 -11.74 -9.12 -19.20
CA PRO A 89 -10.65 -9.98 -18.72
C PRO A 89 -9.31 -9.26 -18.74
N GLY A 90 -8.40 -9.62 -17.83
CA GLY A 90 -7.06 -9.07 -17.83
C GLY A 90 -6.94 -7.74 -17.11
N LYS A 91 -8.03 -7.29 -16.48
CA LYS A 91 -8.02 -6.02 -15.75
C LYS A 91 -8.11 -6.21 -14.23
N VAL A 92 -7.31 -5.41 -13.51
CA VAL A 92 -7.42 -5.33 -12.05
C VAL A 92 -8.54 -4.37 -11.66
N PHE A 93 -9.26 -4.66 -10.58
CA PHE A 93 -10.12 -3.64 -9.95
C PHE A 93 -10.29 -3.85 -8.45
N GLY A 94 -10.68 -2.80 -7.74
CA GLY A 94 -10.80 -2.87 -6.30
C GLY A 94 -9.44 -2.83 -5.64
N GLU A 95 -8.44 -2.34 -6.37
CA GLU A 95 -7.09 -2.21 -5.82
C GLU A 95 -6.91 -0.92 -4.96
N LEU A 96 -7.62 0.14 -5.29
CA LEU A 96 -7.46 1.45 -4.62
C LEU A 96 -7.58 1.38 -3.09
N ALA A 97 -8.69 0.84 -2.59
CA ALA A 97 -8.91 0.69 -1.15
C ALA A 97 -7.78 -0.08 -0.47
N ILE A 98 -7.25 -1.08 -1.17
CA ILE A 98 -6.28 -1.96 -0.55
C ILE A 98 -4.89 -1.32 -0.60
N LEU A 99 -4.60 -0.65 -1.71
CA LEU A 99 -3.29 -0.01 -1.89
C LEU A 99 -3.15 1.19 -0.98
N TYR A 100 -4.23 1.94 -0.83
CA TYR A 100 -4.17 3.28 -0.25
C TYR A 100 -5.00 3.43 1.01
N ASN A 101 -5.63 2.35 1.43
CA ASN A 101 -6.35 2.35 2.70
C ASN A 101 -7.51 3.34 2.76
N CYS A 102 -8.25 3.49 1.66
CA CYS A 102 -9.45 4.34 1.62
C CYS A 102 -10.67 3.46 1.42
N THR A 103 -11.86 4.04 1.54
CA THR A 103 -13.08 3.34 1.23
C THR A 103 -13.17 3.21 -0.28
N ARG A 104 -14.02 2.31 -0.75
CA ARG A 104 -14.14 2.11 -2.19
C ARG A 104 -14.49 3.43 -2.87
N THR A 105 -13.74 3.77 -3.92
CA THR A 105 -13.92 5.03 -4.63
C THR A 105 -15.01 4.97 -5.71
N ALA A 106 -15.59 3.80 -5.92
CA ALA A 106 -16.58 3.62 -6.97
C ALA A 106 -17.36 2.34 -6.74
N THR A 107 -18.41 2.15 -7.54
CA THR A 107 -19.22 0.95 -7.47
C THR A 107 -18.94 0.09 -8.70
N VAL A 108 -18.87 -1.22 -8.48
CA VAL A 108 -18.60 -2.16 -9.58
C VAL A 108 -19.66 -3.26 -9.62
N LYS A 109 -20.36 -3.35 -10.74
CA LYS A 109 -21.41 -4.34 -10.95
C LYS A 109 -21.09 -5.22 -12.17
N THR A 110 -21.59 -6.44 -12.14
CA THR A 110 -21.40 -7.36 -13.27
C THR A 110 -22.43 -7.11 -14.36
N LEU A 111 -21.98 -7.12 -15.60
CA LEU A 111 -22.88 -6.96 -16.74
C LEU A 111 -23.28 -8.33 -17.28
N VAL A 112 -22.40 -9.30 -17.10
CA VAL A 112 -22.65 -10.71 -17.39
C VAL A 112 -22.06 -11.50 -16.25
N ASN A 113 -22.15 -12.82 -16.29
CA ASN A 113 -21.47 -13.64 -15.30
C ASN A 113 -19.99 -13.30 -15.37
N VAL A 114 -19.31 -13.41 -14.24
CA VAL A 114 -17.87 -13.17 -14.22
C VAL A 114 -17.13 -14.23 -13.42
N LYS A 115 -15.89 -14.47 -13.78
CA LYS A 115 -14.97 -15.25 -12.95
C LYS A 115 -13.80 -14.36 -12.56
N LEU A 116 -13.50 -14.32 -11.26
CA LEU A 116 -12.47 -13.43 -10.75
C LEU A 116 -11.41 -14.17 -9.97
N TRP A 117 -10.26 -13.51 -9.80
CA TRP A 117 -9.28 -13.89 -8.79
C TRP A 117 -9.23 -12.79 -7.73
N ALA A 118 -8.96 -13.18 -6.49
CA ALA A 118 -9.01 -12.23 -5.39
C ALA A 118 -7.91 -12.52 -4.38
N ILE A 119 -7.43 -11.44 -3.75
CA ILE A 119 -6.44 -11.54 -2.67
C ILE A 119 -6.74 -10.43 -1.66
N ASP A 120 -6.63 -10.72 -0.37
CA ASP A 120 -6.96 -9.71 0.63
C ASP A 120 -5.76 -8.84 1.03
N ARG A 121 -6.05 -7.69 1.63
CA ARG A 121 -5.03 -6.73 2.07
C ARG A 121 -3.97 -7.41 2.89
N GLN A 122 -4.40 -8.15 3.89
CA GLN A 122 -3.47 -8.77 4.81
C GLN A 122 -2.43 -9.59 4.08
N CYS A 123 -2.87 -10.41 3.15
CA CYS A 123 -1.97 -11.23 2.38
C CYS A 123 -1.07 -10.34 1.51
N PHE A 124 -1.70 -9.38 0.83
CA PHE A 124 -0.97 -8.42 0.01
C PHE A 124 0.13 -7.67 0.78
N GLN A 125 -0.17 -7.26 2.00
CA GLN A 125 0.79 -6.44 2.75
C GLN A 125 1.95 -7.27 3.26
N THR A 126 1.66 -8.51 3.62
CA THR A 126 2.72 -9.44 3.97
C THR A 126 3.70 -9.55 2.80
N ILE A 127 3.16 -9.73 1.60
CA ILE A 127 4.00 -9.89 0.41
C ILE A 127 4.81 -8.62 0.18
N MET A 128 4.20 -7.47 0.40
CA MET A 128 4.92 -6.20 0.27
C MET A 128 6.14 -6.11 1.18
N MET A 129 6.09 -6.77 2.34
CA MET A 129 7.15 -6.70 3.34
C MET A 129 8.21 -7.80 3.22
N ARG A 130 8.19 -8.52 2.11
CA ARG A 130 9.18 -9.58 1.87
C ARG A 130 10.00 -9.38 0.58
N SER B 4 32.23 -4.15 1.09
CA SER B 4 31.49 -5.42 1.04
C SER B 4 30.04 -5.32 1.55
N HIS B 5 29.84 -4.77 2.75
CA HIS B 5 28.49 -4.54 3.29
C HIS B 5 28.34 -3.13 3.81
N VAL B 6 27.25 -2.44 3.45
CA VAL B 6 27.04 -1.07 3.93
C VAL B 6 26.80 -1.04 5.45
N THR B 7 27.46 -0.12 6.14
CA THR B 7 27.17 0.13 7.55
C THR B 7 26.05 1.16 7.63
N LEU B 8 24.90 0.79 8.18
CA LEU B 8 23.80 1.76 8.26
C LEU B 8 24.11 2.87 9.26
N PRO B 9 23.60 4.08 9.01
CA PRO B 9 23.83 5.18 9.93
C PRO B 9 23.19 4.86 11.27
N PHE B 10 23.74 5.39 12.36
CA PHE B 10 23.15 5.27 13.68
C PHE B 10 22.90 6.67 14.21
N TYR B 11 21.66 6.94 14.62
CA TYR B 11 21.31 8.23 15.20
C TYR B 11 20.89 8.07 16.67
N PRO B 12 21.74 8.55 17.60
CA PRO B 12 21.49 8.48 19.04
C PRO B 12 20.22 9.26 19.37
N LYS B 13 19.44 8.74 20.30
CA LYS B 13 18.09 9.20 20.58
C LYS B 13 17.78 8.85 22.03
N SER B 14 16.91 9.60 22.68
CA SER B 14 16.52 9.24 24.04
C SER B 14 15.70 7.96 24.00
N PRO B 15 15.70 7.20 25.10
CA PRO B 15 14.88 5.99 25.17
C PRO B 15 13.42 6.32 24.91
N GLN B 16 12.99 7.48 25.39
CA GLN B 16 11.62 7.92 25.22
C GLN B 16 11.26 8.04 23.72
N SER B 17 12.19 8.55 22.92
CA SER B 17 11.96 8.70 21.50
C SER B 17 11.98 7.34 20.80
N LYS B 18 12.89 6.48 21.19
CA LYS B 18 12.93 5.14 20.63
C LYS B 18 11.58 4.50 20.83
N ASP B 19 11.01 4.64 22.03
CA ASP B 19 9.72 4.01 22.32
C ASP B 19 8.59 4.54 21.46
N LEU B 20 8.52 5.85 21.34
CA LEU B 20 7.49 6.46 20.55
C LEU B 20 7.59 6.06 19.06
N ILE B 21 8.81 5.91 18.55
CA ILE B 21 8.99 5.49 17.16
C ILE B 21 8.60 4.02 16.97
N LYS B 22 9.06 3.18 17.90
CA LYS B 22 8.69 1.77 17.96
C LYS B 22 7.17 1.62 17.96
N GLU B 23 6.47 2.39 18.79
CA GLU B 23 5.01 2.31 18.81
C GLU B 23 4.37 2.68 17.48
N ALA B 24 4.87 3.72 16.82
CA ALA B 24 4.27 4.16 15.58
C ALA B 24 4.47 3.11 14.49
N ILE B 25 5.64 2.50 14.47
CA ILE B 25 5.94 1.43 13.53
C ILE B 25 5.07 0.20 13.78
N LEU B 26 4.92 -0.19 15.05
CA LEU B 26 4.08 -1.33 15.38
C LEU B 26 2.60 -1.05 15.11
N ASP B 27 2.24 0.22 14.93
CA ASP B 27 0.86 0.56 14.68
C ASP B 27 0.58 0.53 13.18
N ASN B 28 1.63 0.42 12.37
CA ASN B 28 1.50 0.48 10.93
C ASN B 28 1.22 -0.89 10.30
N ASP B 29 0.23 -0.92 9.42
CA ASP B 29 -0.20 -2.15 8.73
C ASP B 29 0.96 -2.97 8.20
N PHE B 30 1.79 -2.36 7.37
CA PHE B 30 2.93 -3.05 6.79
C PHE B 30 3.94 -3.43 7.84
N MET B 31 4.37 -2.45 8.61
CA MET B 31 5.44 -2.59 9.57
C MET B 31 5.21 -3.65 10.64
N LYS B 32 3.96 -3.92 10.98
CA LYS B 32 3.59 -5.02 11.86
C LYS B 32 4.19 -6.34 11.40
N ASN B 33 4.49 -6.45 10.11
CA ASN B 33 4.97 -7.72 9.56
C ASN B 33 6.43 -7.99 9.89
N LEU B 34 7.16 -6.97 10.33
CA LEU B 34 8.59 -7.08 10.53
C LEU B 34 8.93 -7.77 11.84
N GLU B 35 10.13 -8.34 11.91
CA GLU B 35 10.59 -8.89 13.18
C GLU B 35 10.96 -7.74 14.11
N LEU B 36 10.80 -7.97 15.40
CA LEU B 36 11.20 -6.96 16.37
C LEU B 36 12.60 -6.40 16.11
N SER B 37 13.55 -7.27 15.80
CA SER B 37 14.92 -6.81 15.56
C SER B 37 15.03 -5.87 14.36
N GLN B 38 14.21 -6.09 13.34
CA GLN B 38 14.24 -5.21 12.18
C GLN B 38 13.66 -3.86 12.56
N ILE B 39 12.66 -3.89 13.44
CA ILE B 39 12.00 -2.69 13.87
C ILE B 39 12.97 -1.87 14.71
N GLN B 40 13.76 -2.54 15.53
CA GLN B 40 14.77 -1.86 16.31
C GLN B 40 15.81 -1.21 15.39
N GLU B 41 16.21 -1.91 14.34
CA GLU B 41 17.18 -1.33 13.41
C GLU B 41 16.62 -0.10 12.68
N ILE B 42 15.33 -0.08 12.45
CA ILE B 42 14.72 1.06 11.81
C ILE B 42 14.75 2.23 12.78
N VAL B 43 14.37 1.96 14.03
CA VAL B 43 14.40 2.97 15.07
C VAL B 43 15.78 3.63 15.09
N ASP B 44 16.84 2.82 15.04
CA ASP B 44 18.20 3.35 15.13
C ASP B 44 18.60 4.20 13.94
N CYS B 45 18.07 3.88 12.75
CA CYS B 45 18.39 4.61 11.51
C CYS B 45 17.59 5.88 11.30
N MET B 46 16.64 6.17 12.18
CA MET B 46 15.81 7.34 11.97
C MET B 46 16.48 8.59 12.50
N TYR B 47 16.24 9.71 11.84
CA TYR B 47 16.83 10.97 12.27
C TYR B 47 15.75 12.04 12.29
N PRO B 48 15.94 13.05 13.16
CA PRO B 48 14.88 14.03 13.39
C PRO B 48 14.81 15.09 12.31
N VAL B 49 13.58 15.46 11.95
CA VAL B 49 13.35 16.58 11.07
C VAL B 49 12.06 17.27 11.51
N GLU B 50 12.02 18.58 11.42
CA GLU B 50 10.82 19.37 11.80
C GLU B 50 10.35 20.21 10.62
N TYR B 51 9.05 20.46 10.55
CA TYR B 51 8.50 21.38 9.54
C TYR B 51 7.50 22.32 10.19
N GLY B 52 7.47 23.56 9.73
CA GLY B 52 6.48 24.48 10.22
C GLY B 52 5.11 24.26 9.61
N LYS B 53 4.10 24.85 10.23
CA LYS B 53 2.76 24.94 9.70
C LYS B 53 2.79 25.26 8.21
N ASP B 54 1.83 24.71 7.46
CA ASP B 54 1.71 25.04 6.04
C ASP B 54 2.94 24.71 5.21
N SER B 55 3.58 23.59 5.51
CA SER B 55 4.68 23.12 4.67
C SER B 55 4.23 21.92 3.83
N CYS B 56 4.75 21.81 2.63
CA CYS B 56 4.53 20.62 1.83
C CYS B 56 5.72 19.68 2.00
N ILE B 57 5.53 18.60 2.73
CA ILE B 57 6.62 17.67 2.99
C ILE B 57 6.85 16.79 1.80
N ILE B 58 5.75 16.24 1.28
CA ILE B 58 5.75 15.30 0.17
C ILE B 58 4.80 15.79 -0.92
N LYS B 59 5.30 15.87 -2.16
CA LYS B 59 4.45 16.23 -3.29
C LYS B 59 4.20 15.03 -4.21
N GLU B 60 2.93 14.76 -4.50
CA GLU B 60 2.57 13.65 -5.38
C GLU B 60 3.35 13.71 -6.68
N GLY B 61 3.80 12.56 -7.16
CA GLY B 61 4.51 12.49 -8.41
C GLY B 61 6.02 12.55 -8.29
N ASP B 62 6.51 13.04 -7.15
CA ASP B 62 7.95 13.05 -6.94
C ASP B 62 8.52 11.67 -6.69
N VAL B 63 9.82 11.55 -6.88
CA VAL B 63 10.56 10.39 -6.40
C VAL B 63 10.55 10.35 -4.88
N GLY B 64 10.31 9.17 -4.30
CA GLY B 64 10.26 9.04 -2.87
C GLY B 64 11.41 8.24 -2.27
N SER B 65 12.28 8.93 -1.55
CA SER B 65 13.42 8.28 -0.91
C SER B 65 13.43 8.37 0.63
N LEU B 66 12.30 8.75 1.24
CA LEU B 66 12.21 8.85 2.69
C LEU B 66 10.89 8.32 3.27
N VAL B 67 10.99 7.65 4.42
CA VAL B 67 9.83 7.23 5.20
C VAL B 67 9.82 7.92 6.56
N TYR B 68 8.64 8.39 6.97
CA TYR B 68 8.51 9.23 8.15
C TYR B 68 7.64 8.63 9.24
N VAL B 69 8.03 8.91 10.48
CA VAL B 69 7.15 8.75 11.62
C VAL B 69 6.86 10.14 12.16
N MET B 70 5.59 10.41 12.43
CA MET B 70 5.21 11.67 13.01
C MET B 70 5.17 11.59 14.52
N GLU B 71 6.06 12.32 15.19
CA GLU B 71 6.01 12.40 16.63
C GLU B 71 4.91 13.36 17.12
N ASP B 72 4.97 14.61 16.68
CA ASP B 72 3.99 15.63 17.07
C ASP B 72 3.46 16.31 15.84
N GLY B 73 2.17 16.66 15.86
CA GLY B 73 1.64 17.46 14.80
C GLY B 73 0.53 16.80 14.01
N LYS B 74 0.10 17.48 12.96
CA LYS B 74 -1.02 17.00 12.18
C LYS B 74 -0.77 17.37 10.72
N VAL B 75 -1.14 16.46 9.84
CA VAL B 75 -0.78 16.56 8.45
C VAL B 75 -2.00 16.26 7.58
N GLU B 76 -2.03 16.79 6.36
CA GLU B 76 -3.15 16.57 5.48
C GLU B 76 -2.72 15.96 4.16
N VAL B 77 -3.39 14.88 3.77
CA VAL B 77 -3.06 14.15 2.57
C VAL B 77 -4.02 14.52 1.44
N THR B 78 -3.48 14.98 0.32
CA THR B 78 -4.32 15.38 -0.81
C THR B 78 -3.89 14.71 -2.12
N LYS B 79 -4.82 14.67 -3.07
CA LYS B 79 -4.52 14.14 -4.39
C LYS B 79 -5.21 15.04 -5.39
N GLU B 80 -4.41 15.66 -6.25
CA GLU B 80 -4.90 16.65 -7.18
C GLU B 80 -5.85 17.62 -6.50
N GLY B 81 -5.42 18.18 -5.38
CA GLY B 81 -6.16 19.21 -4.68
C GLY B 81 -7.23 18.70 -3.74
N VAL B 82 -7.55 17.42 -3.87
CA VAL B 82 -8.66 16.84 -3.13
C VAL B 82 -8.22 16.24 -1.80
N LYS B 83 -8.86 16.66 -0.72
CA LYS B 83 -8.51 16.12 0.59
C LYS B 83 -8.77 14.62 0.62
N LEU B 84 -7.75 13.83 0.93
CA LEU B 84 -7.93 12.39 1.09
C LEU B 84 -8.16 12.05 2.55
N CYS B 85 -7.33 12.61 3.43
CA CYS B 85 -7.49 12.40 4.85
C CYS B 85 -6.55 13.31 5.63
N THR B 86 -6.45 13.08 6.93
CA THR B 86 -5.45 13.72 7.74
C THR B 86 -4.82 12.68 8.63
N MET B 87 -3.63 12.96 9.12
CA MET B 87 -2.91 12.01 9.97
C MET B 87 -2.28 12.74 11.14
N GLY B 88 -2.33 12.12 12.31
CA GLY B 88 -1.82 12.73 13.52
C GLY B 88 -0.66 11.96 14.09
N PRO B 89 -0.25 12.30 15.31
CA PRO B 89 0.95 11.71 15.90
C PRO B 89 0.86 10.19 15.95
N GLY B 90 2.01 9.53 15.89
CA GLY B 90 2.07 8.08 16.04
C GLY B 90 1.85 7.33 14.75
N LYS B 91 1.79 8.07 13.66
CA LYS B 91 1.51 7.49 12.36
C LYS B 91 2.73 7.53 11.46
N VAL B 92 2.81 6.55 10.56
CA VAL B 92 3.83 6.51 9.54
C VAL B 92 3.24 7.11 8.27
N PHE B 93 4.04 7.81 7.49
CA PHE B 93 3.63 8.15 6.14
C PHE B 93 4.85 8.19 5.22
N GLY B 94 4.61 8.04 3.92
CA GLY B 94 5.67 8.09 2.94
C GLY B 94 6.27 6.73 2.65
N GLU B 95 5.58 5.67 3.06
CA GLU B 95 6.08 4.31 2.89
C GLU B 95 5.64 3.70 1.56
N LEU B 96 4.56 4.22 0.99
CA LEU B 96 3.96 3.66 -0.21
C LEU B 96 4.89 3.70 -1.43
N ALA B 97 5.45 4.86 -1.74
CA ALA B 97 6.39 4.97 -2.84
C ALA B 97 7.47 3.91 -2.73
N ILE B 98 7.92 3.65 -1.51
CA ILE B 98 9.01 2.72 -1.31
C ILE B 98 8.51 1.29 -1.55
N LEU B 99 7.39 0.96 -0.92
CA LEU B 99 6.89 -0.40 -0.93
C LEU B 99 6.32 -0.83 -2.29
N TYR B 100 5.73 0.12 -3.01
CA TYR B 100 5.15 -0.15 -4.32
C TYR B 100 6.11 0.21 -5.46
N ASN B 101 7.32 0.65 -5.10
CA ASN B 101 8.33 1.02 -6.08
C ASN B 101 7.83 2.04 -7.10
N CYS B 102 7.24 3.13 -6.62
CA CYS B 102 6.66 4.16 -7.49
C CYS B 102 6.84 5.57 -6.93
N THR B 103 6.39 6.55 -7.68
CA THR B 103 6.46 7.95 -7.25
C THR B 103 5.47 8.17 -6.12
N ARG B 104 5.60 9.30 -5.44
CA ARG B 104 4.70 9.60 -4.33
C ARG B 104 3.27 9.55 -4.83
N THR B 105 2.40 8.88 -4.08
CA THR B 105 1.04 8.68 -4.55
C THR B 105 0.08 9.76 -4.07
N ALA B 106 0.56 10.63 -3.18
CA ALA B 106 -0.27 11.71 -2.66
C ALA B 106 0.60 12.86 -2.18
N THR B 107 -0.05 13.98 -1.85
CA THR B 107 0.67 15.15 -1.37
C THR B 107 0.42 15.26 0.12
N VAL B 108 1.46 15.60 0.87
CA VAL B 108 1.34 15.66 2.33
C VAL B 108 1.80 17.00 2.86
N LYS B 109 0.86 17.76 3.43
CA LYS B 109 1.13 19.10 3.94
C LYS B 109 0.84 19.18 5.43
N THR B 110 1.59 20.03 6.13
CA THR B 110 1.44 20.16 7.58
C THR B 110 0.28 21.09 7.89
N LEU B 111 -0.48 20.80 8.93
CA LEU B 111 -1.61 21.63 9.32
C LEU B 111 -1.22 22.45 10.53
N VAL B 112 -0.22 21.95 11.25
CA VAL B 112 0.38 22.62 12.38
C VAL B 112 1.86 22.31 12.32
N ASN B 113 2.66 22.93 13.17
CA ASN B 113 4.06 22.56 13.26
C ASN B 113 4.13 21.06 13.54
N VAL B 114 5.05 20.36 12.89
CA VAL B 114 5.20 18.94 13.14
C VAL B 114 6.63 18.62 13.53
N LYS B 115 6.78 17.55 14.29
CA LYS B 115 8.09 16.99 14.56
C LYS B 115 8.10 15.53 14.07
N LEU B 116 9.06 15.21 13.20
CA LEU B 116 9.08 13.91 12.53
C LEU B 116 10.39 13.16 12.69
N TRP B 117 10.34 11.86 12.39
CA TRP B 117 11.54 11.06 12.27
C TRP B 117 11.59 10.49 10.85
N ALA B 118 12.78 10.42 10.26
CA ALA B 118 12.90 10.01 8.88
C ALA B 118 13.92 8.91 8.72
N ILE B 119 13.64 7.97 7.82
CA ILE B 119 14.59 6.92 7.49
C ILE B 119 14.68 6.91 5.98
N ASP B 120 15.88 6.90 5.43
CA ASP B 120 15.94 6.95 4.00
C ASP B 120 15.74 5.55 3.40
N ARG B 121 15.37 5.53 2.12
CA ARG B 121 14.99 4.29 1.44
C ARG B 121 16.06 3.20 1.51
N GLN B 122 17.32 3.55 1.25
CA GLN B 122 18.41 2.57 1.31
C GLN B 122 18.35 1.76 2.61
N CYS B 123 18.26 2.46 3.75
CA CYS B 123 18.34 1.80 5.04
C CYS B 123 17.15 0.91 5.23
N PHE B 124 15.99 1.46 4.91
CA PHE B 124 14.74 0.77 5.14
C PHE B 124 14.70 -0.51 4.31
N GLN B 125 15.13 -0.45 3.05
CA GLN B 125 15.14 -1.64 2.23
C GLN B 125 16.18 -2.65 2.68
N THR B 126 17.38 -2.15 2.96
CA THR B 126 18.43 -3.01 3.53
C THR B 126 17.90 -3.77 4.74
N ILE B 127 17.15 -3.11 5.59
CA ILE B 127 16.71 -3.75 6.81
C ILE B 127 15.67 -4.82 6.52
N MET B 128 14.82 -4.55 5.53
CA MET B 128 13.81 -5.51 5.09
C MET B 128 14.44 -6.76 4.47
N MET B 129 15.51 -6.58 3.71
CA MET B 129 16.24 -7.69 3.09
C MET B 129 16.89 -8.57 4.14
N ARG B 130 17.42 -7.93 5.17
CA ARG B 130 18.17 -8.62 6.22
C ARG B 130 17.24 -9.28 7.24
N THR B 131 16.49 -10.29 6.80
CA THR B 131 15.66 -11.09 7.68
C THR B 131 16.48 -12.18 8.37
P CMP C . -11.62 0.71 -5.35
O1P CMP C . -11.78 2.12 -4.96
O2P CMP C . -10.84 -0.24 -4.26
O5' CMP C . -13.01 0.02 -5.57
C5' CMP C . -13.67 0.55 -6.71
C4' CMP C . -12.77 0.40 -7.88
O4' CMP C . -13.29 0.96 -9.10
C3' CMP C . -11.45 1.13 -7.73
O3' CMP C . -10.68 0.56 -6.69
C2' CMP C . -10.90 0.96 -9.14
O2' CMP C . -10.43 -0.36 -9.35
C1' CMP C . -12.18 1.19 -9.97
N9 CMP C . -12.26 2.60 -10.43
C8 CMP C . -12.54 3.66 -9.68
N7 CMP C . -12.54 4.76 -10.48
C5 CMP C . -12.25 4.35 -11.76
C6 CMP C . -12.12 5.07 -13.02
N6 CMP C . -12.31 6.51 -13.04
N1 CMP C . -11.82 4.43 -14.12
C2 CMP C . -11.64 3.06 -14.10
N3 CMP C . -11.78 2.36 -12.88
C4 CMP C . -12.08 3.03 -11.74
P CMP D . 3.62 7.95 -0.45
O1P CMP D . 2.87 7.63 -1.66
O2P CMP D . 5.17 7.42 -0.50
O5' CMP D . 3.70 9.49 -0.22
C5' CMP D . 2.45 10.05 0.14
C4' CMP D . 1.94 9.32 1.34
O4' CMP D . 0.61 9.70 1.78
C3' CMP D . 1.77 7.84 1.10
O3' CMP D . 3.02 7.24 0.89
C2' CMP D . 1.01 7.42 2.35
O2' CMP D . 1.91 7.20 3.42
C1' CMP D . 0.18 8.67 2.66
N9 CMP D . -1.27 8.48 2.50
C8 CMP D . -2.16 8.51 3.50
N7 CMP D . -3.42 8.32 2.98
C5 CMP D . -3.27 8.14 1.64
C6 CMP D . -4.26 7.90 0.61
N6 CMP D . -5.65 7.78 1.00
N1 CMP D . -3.89 7.76 -0.64
C2 CMP D . -2.54 7.84 -0.97
N3 CMP D . -1.58 8.08 0.03
C4 CMP D . -1.98 8.23 1.33
#